data_1V8H
#
_entry.id   1V8H
#
_cell.length_a   84.759
_cell.length_b   84.759
_cell.length_c   59.882
_cell.angle_alpha   90.00
_cell.angle_beta   90.00
_cell.angle_gamma   120.00
#
_symmetry.space_group_name_H-M   'P 65'
#
loop_
_entity.id
_entity.type
_entity.pdbx_description
1 polymer 'sulfur oxidation protein SoxZ'
2 water water
#
_entity_poly.entity_id   1
_entity_poly.type   'polypeptide(L)'
_entity_poly.pdbx_seq_one_letter_code
;PFRTIARLNPAKPKAGEEFRLQVVAQHPNEPGTRRDAEGKLIPAKYINLVEVYFEGEKVAEARPGPSTSANPLYAFKFKA
EKAGTFTIKLKDTDGDTGEASVKLELV
;
_entity_poly.pdbx_strand_id   A,B
#
# COMPACT_ATOMS: atom_id res chain seq x y z
N PRO A 1 13.32 -9.56 -1.50
CA PRO A 1 12.40 -8.55 -2.05
C PRO A 1 11.58 -7.87 -0.95
N PHE A 2 11.15 -6.65 -1.22
CA PHE A 2 10.34 -5.92 -0.25
C PHE A 2 8.88 -5.88 -0.70
N ARG A 3 7.97 -5.93 0.27
CA ARG A 3 6.54 -5.92 -0.03
C ARG A 3 6.08 -4.70 -0.80
N THR A 4 5.23 -4.94 -1.80
CA THR A 4 4.69 -3.88 -2.63
C THR A 4 3.25 -4.23 -2.98
N ILE A 5 2.38 -3.23 -3.02
CA ILE A 5 0.99 -3.42 -3.39
C ILE A 5 0.62 -2.35 -4.40
N ALA A 6 -0.09 -2.76 -5.45
CA ALA A 6 -0.53 -1.85 -6.48
C ALA A 6 -2.06 -1.77 -6.44
N ARG A 7 -2.59 -0.57 -6.59
CA ARG A 7 -4.04 -0.39 -6.59
C ARG A 7 -4.42 0.68 -7.61
N LEU A 8 -5.67 0.61 -8.06
CA LEU A 8 -6.20 1.58 -9.02
C LEU A 8 -7.27 2.39 -8.32
N ASN A 9 -7.34 3.67 -8.66
CA ASN A 9 -8.33 4.55 -8.07
C ASN A 9 -8.90 5.46 -9.15
N PRO A 10 -10.19 5.28 -9.50
CA PRO A 10 -11.14 4.28 -9.01
C PRO A 10 -10.66 2.87 -9.34
N ALA A 11 -11.13 1.88 -8.58
CA ALA A 11 -10.73 0.50 -8.83
C ALA A 11 -11.09 0.00 -10.22
N LYS A 12 -12.25 0.44 -10.72
CA LYS A 12 -12.68 0.03 -12.05
C LYS A 12 -13.18 1.23 -12.84
N PRO A 13 -12.25 2.01 -13.41
CA PRO A 13 -12.63 3.19 -14.18
C PRO A 13 -13.28 2.75 -15.49
N LYS A 14 -13.99 3.68 -16.13
CA LYS A 14 -14.66 3.38 -17.38
C LYS A 14 -13.77 3.85 -18.52
N ALA A 15 -14.00 3.31 -19.72
CA ALA A 15 -13.23 3.67 -20.89
C ALA A 15 -13.22 5.18 -21.09
N GLY A 16 -12.04 5.72 -21.37
CA GLY A 16 -11.90 7.15 -21.61
C GLY A 16 -11.66 7.99 -20.37
N GLU A 17 -11.84 7.39 -19.19
CA GLU A 17 -11.65 8.13 -17.95
C GLU A 17 -10.21 8.11 -17.46
N GLU A 18 -9.85 9.16 -16.74
CA GLU A 18 -8.52 9.27 -16.17
C GLU A 18 -8.61 8.51 -14.85
N PHE A 19 -7.52 7.84 -14.47
CA PHE A 19 -7.49 7.12 -13.21
C PHE A 19 -6.06 7.13 -12.71
N ARG A 20 -5.88 6.75 -11.46
CA ARG A 20 -4.55 6.73 -10.88
C ARG A 20 -4.10 5.33 -10.49
N LEU A 21 -2.84 5.04 -10.78
CA LEU A 21 -2.23 3.79 -10.37
C LEU A 21 -1.39 4.20 -9.16
N GLN A 22 -1.61 3.54 -8.04
CA GLN A 22 -0.86 3.83 -6.82
C GLN A 22 -0.07 2.61 -6.42
N VAL A 23 1.20 2.82 -6.11
CA VAL A 23 2.07 1.72 -5.70
C VAL A 23 2.66 2.05 -4.34
N VAL A 24 2.41 1.19 -3.37
CA VAL A 24 2.97 1.39 -2.06
C VAL A 24 3.99 0.33 -1.79
N ALA A 25 5.12 0.74 -1.23
CA ALA A 25 6.19 -0.20 -0.93
C ALA A 25 6.53 -0.13 0.54
N GLN A 26 6.82 -1.29 1.12
CA GLN A 26 7.23 -1.33 2.52
C GLN A 26 8.75 -1.22 2.38
N HIS A 27 9.30 -0.09 2.76
CA HIS A 27 10.73 0.13 2.58
C HIS A 27 11.21 1.23 3.51
N PRO A 28 12.39 1.05 4.14
CA PRO A 28 12.86 2.09 5.05
C PRO A 28 13.38 3.36 4.40
N ASN A 29 13.77 3.30 3.13
CA ASN A 29 14.36 4.45 2.45
C ASN A 29 15.43 5.08 3.36
N GLU A 30 16.33 4.23 3.83
CA GLU A 30 17.41 4.64 4.71
C GLU A 30 18.40 5.50 3.91
N PRO A 31 18.69 6.72 4.39
CA PRO A 31 19.61 7.60 3.66
C PRO A 31 21.11 7.34 3.75
N GLY A 32 21.54 6.64 4.80
CA GLY A 32 22.96 6.36 4.98
C GLY A 32 23.66 7.41 5.83
N THR A 33 22.90 8.41 6.28
CA THR A 33 23.41 9.51 7.09
C THR A 33 22.92 9.48 8.53
N ARG A 34 21.97 8.61 8.83
CA ARG A 34 21.44 8.49 10.18
C ARG A 34 22.33 7.57 11.01
N ARG A 35 22.36 7.80 12.32
CA ARG A 35 23.18 7.01 13.22
C ARG A 35 22.36 6.28 14.26
N ASP A 36 22.87 5.14 14.73
CA ASP A 36 22.19 4.37 15.77
C ASP A 36 22.55 4.96 17.12
N ALA A 37 22.12 4.29 18.19
CA ALA A 37 22.39 4.77 19.54
C ALA A 37 23.87 4.90 19.90
N GLU A 38 24.72 4.13 19.22
CA GLU A 38 26.16 4.18 19.48
C GLU A 38 26.87 5.18 18.59
N GLY A 39 26.11 5.85 17.73
CA GLY A 39 26.70 6.83 16.83
C GLY A 39 27.22 6.24 15.54
N LYS A 40 26.88 4.98 15.28
CA LYS A 40 27.33 4.31 14.07
C LYS A 40 26.32 4.55 12.94
N LEU A 41 26.81 4.85 11.76
CA LEU A 41 25.94 5.10 10.62
C LEU A 41 25.17 3.86 10.22
N ILE A 42 23.92 4.06 9.83
CA ILE A 42 23.08 2.97 9.35
C ILE A 42 23.19 3.09 7.84
N PRO A 43 23.73 2.06 7.17
CA PRO A 43 23.91 2.06 5.71
C PRO A 43 22.69 2.43 4.89
N ALA A 44 22.93 3.20 3.83
CA ALA A 44 21.86 3.64 2.94
C ALA A 44 21.21 2.47 2.23
N LYS A 45 19.91 2.59 1.99
CA LYS A 45 19.13 1.58 1.29
C LYS A 45 17.84 2.30 0.92
N TYR A 46 17.80 2.85 -0.29
CA TYR A 46 16.61 3.58 -0.70
C TYR A 46 16.20 3.23 -2.13
N ILE A 47 14.91 3.32 -2.41
CA ILE A 47 14.39 3.01 -3.73
C ILE A 47 14.85 4.06 -4.73
N ASN A 48 15.48 3.61 -5.82
CA ASN A 48 15.97 4.56 -6.80
C ASN A 48 15.41 4.38 -8.20
N LEU A 49 14.53 3.40 -8.39
CA LEU A 49 13.92 3.19 -9.70
C LEU A 49 12.58 2.48 -9.57
N VAL A 50 11.59 3.02 -10.28
CA VAL A 50 10.24 2.44 -10.31
C VAL A 50 9.85 2.43 -11.79
N GLU A 51 9.53 1.26 -12.32
CA GLU A 51 9.13 1.14 -13.71
C GLU A 51 7.76 0.50 -13.82
N VAL A 52 6.89 1.14 -14.59
CA VAL A 52 5.53 0.66 -14.78
C VAL A 52 5.33 0.12 -16.18
N TYR A 53 4.81 -1.10 -16.26
CA TYR A 53 4.52 -1.75 -17.53
C TYR A 53 3.03 -2.03 -17.63
N PHE A 54 2.50 -1.97 -18.84
CA PHE A 54 1.10 -2.27 -19.08
C PHE A 54 1.08 -3.16 -20.31
N GLU A 55 0.60 -4.38 -20.15
CA GLU A 55 0.54 -5.34 -21.24
C GLU A 55 1.87 -5.49 -21.97
N GLY A 56 2.93 -5.67 -21.19
CA GLY A 56 4.25 -5.86 -21.77
C GLY A 56 4.96 -4.67 -22.38
N GLU A 57 4.51 -3.46 -22.05
CA GLU A 57 5.13 -2.26 -22.58
C GLU A 57 5.34 -1.25 -21.46
N LYS A 58 6.53 -0.66 -21.41
CA LYS A 58 6.82 0.33 -20.37
C LYS A 58 6.00 1.58 -20.65
N VAL A 59 5.27 2.05 -19.64
CA VAL A 59 4.44 3.24 -19.80
C VAL A 59 4.73 4.36 -18.81
N ALA A 60 5.58 4.10 -17.81
CA ALA A 60 5.92 5.13 -16.84
C ALA A 60 7.16 4.75 -16.06
N GLU A 61 7.80 5.75 -15.48
CA GLU A 61 9.01 5.55 -14.70
C GLU A 61 9.17 6.66 -13.68
N ALA A 62 9.80 6.33 -12.55
CA ALA A 62 10.08 7.30 -11.51
C ALA A 62 11.46 6.98 -10.95
N ARG A 63 12.22 8.05 -10.68
CA ARG A 63 13.55 7.94 -10.09
C ARG A 63 13.40 8.79 -8.83
N PRO A 64 12.89 8.17 -7.74
CA PRO A 64 12.64 8.83 -6.44
C PRO A 64 13.73 9.72 -5.85
N GLY A 65 14.98 9.35 -6.06
CA GLY A 65 16.07 10.15 -5.52
C GLY A 65 16.29 9.92 -4.04
N PRO A 66 17.26 10.61 -3.44
CA PRO A 66 17.57 10.49 -2.02
C PRO A 66 16.72 11.31 -1.07
N SER A 67 16.89 11.06 0.22
CA SER A 67 16.20 11.75 1.29
C SER A 67 14.70 11.64 1.13
N THR A 68 14.22 10.40 1.17
CA THR A 68 12.81 10.09 1.02
C THR A 68 12.27 9.46 2.30
N SER A 69 10.95 9.33 2.38
CA SER A 69 10.31 8.78 3.57
C SER A 69 10.02 7.29 3.52
N ALA A 70 9.94 6.70 4.71
CA ALA A 70 9.68 5.27 4.83
C ALA A 70 8.30 4.89 4.27
N ASN A 71 8.25 3.70 3.66
CA ASN A 71 7.03 3.14 3.08
C ASN A 71 6.36 4.12 2.14
N PRO A 72 7.07 4.45 1.06
CA PRO A 72 6.60 5.39 0.05
C PRO A 72 5.42 4.94 -0.80
N LEU A 73 4.73 5.95 -1.34
CA LEU A 73 3.60 5.75 -2.23
C LEU A 73 3.97 6.47 -3.52
N TYR A 74 3.83 5.77 -4.64
CA TYR A 74 4.13 6.34 -5.96
C TYR A 74 2.81 6.36 -6.72
N ALA A 75 2.49 7.49 -7.33
CA ALA A 75 1.24 7.61 -8.09
C ALA A 75 1.51 7.97 -9.53
N PHE A 76 0.72 7.38 -10.43
CA PHE A 76 0.85 7.62 -11.86
C PHE A 76 -0.54 7.78 -12.45
N LYS A 77 -0.72 8.78 -13.31
CA LYS A 77 -2.02 9.00 -13.93
C LYS A 77 -2.05 8.41 -15.34
N PHE A 78 -3.16 7.76 -15.66
CA PHE A 78 -3.34 7.14 -16.97
C PHE A 78 -4.77 7.35 -17.43
N LYS A 79 -5.00 7.08 -18.72
CA LYS A 79 -6.32 7.18 -19.31
C LYS A 79 -6.72 5.76 -19.64
N ALA A 80 -7.93 5.36 -19.26
CA ALA A 80 -8.40 4.01 -19.53
C ALA A 80 -8.80 3.90 -20.99
N GLU A 81 -8.10 3.05 -21.73
CA GLU A 81 -8.41 2.86 -23.14
C GLU A 81 -8.81 1.40 -23.41
N LYS A 82 -7.96 0.48 -22.90
CA LYS A 82 -8.25 -0.94 -23.04
C LYS A 82 -7.90 -1.71 -21.77
N ALA A 83 -8.61 -2.82 -21.55
CA ALA A 83 -8.28 -3.64 -20.38
C ALA A 83 -6.87 -4.22 -20.49
N GLY A 84 -6.26 -4.49 -19.34
CA GLY A 84 -4.93 -5.06 -19.33
C GLY A 84 -4.39 -5.11 -17.92
N THR A 85 -3.15 -5.60 -17.78
CA THR A 85 -2.53 -5.71 -16.47
C THR A 85 -1.31 -4.82 -16.33
N PHE A 86 -1.24 -4.13 -15.20
CA PHE A 86 -0.10 -3.28 -14.87
C PHE A 86 0.85 -4.12 -14.04
N THR A 87 2.13 -4.01 -14.34
CA THR A 87 3.16 -4.68 -13.55
C THR A 87 4.16 -3.59 -13.22
N ILE A 88 4.50 -3.47 -11.95
CA ILE A 88 5.44 -2.44 -11.52
C ILE A 88 6.66 -3.11 -10.88
N LYS A 89 7.84 -2.70 -11.34
CA LYS A 89 9.09 -3.25 -10.83
C LYS A 89 9.88 -2.13 -10.16
N LEU A 90 10.29 -2.38 -8.92
CA LEU A 90 11.03 -1.40 -8.15
C LEU A 90 12.39 -1.96 -7.76
N LYS A 91 13.37 -1.06 -7.67
CA LYS A 91 14.71 -1.45 -7.27
C LYS A 91 15.29 -0.44 -6.30
N ASP A 92 16.13 -0.91 -5.38
CA ASP A 92 16.77 0.01 -4.45
C ASP A 92 18.29 0.00 -4.62
N THR A 93 18.96 0.90 -3.93
CA THR A 93 20.41 1.04 -4.05
C THR A 93 21.23 -0.18 -3.63
N ASP A 94 20.63 -1.07 -2.87
CA ASP A 94 21.34 -2.30 -2.47
C ASP A 94 21.20 -3.38 -3.53
N GLY A 95 20.26 -3.18 -4.47
CA GLY A 95 20.02 -4.17 -5.50
C GLY A 95 18.78 -5.00 -5.17
N ASP A 96 18.11 -4.68 -4.07
CA ASP A 96 16.90 -5.40 -3.68
C ASP A 96 15.77 -4.97 -4.61
N THR A 97 14.73 -5.80 -4.68
CA THR A 97 13.63 -5.52 -5.58
C THR A 97 12.24 -5.64 -4.97
N GLY A 98 11.28 -5.06 -5.68
CA GLY A 98 9.89 -5.12 -5.29
C GLY A 98 9.12 -5.27 -6.58
N GLU A 99 7.97 -5.94 -6.53
CA GLU A 99 7.15 -6.10 -7.73
C GLU A 99 5.70 -6.29 -7.35
N ALA A 100 4.82 -5.67 -8.11
CA ALA A 100 3.38 -5.79 -7.86
C ALA A 100 2.65 -5.69 -9.19
N SER A 101 1.41 -6.17 -9.21
CA SER A 101 0.61 -6.10 -10.41
C SER A 101 -0.84 -5.83 -10.03
N VAL A 102 -1.59 -5.25 -10.95
CA VAL A 102 -3.00 -4.98 -10.72
C VAL A 102 -3.67 -4.94 -12.09
N LYS A 103 -4.84 -5.56 -12.19
CA LYS A 103 -5.55 -5.59 -13.45
C LYS A 103 -6.50 -4.43 -13.64
N LEU A 104 -6.50 -3.88 -14.85
CA LEU A 104 -7.39 -2.80 -15.22
C LEU A 104 -8.56 -3.40 -15.99
N GLU A 105 -9.76 -3.24 -15.42
CA GLU A 105 -10.99 -3.71 -16.02
C GLU A 105 -11.89 -2.48 -16.14
N LEU A 106 -12.48 -2.29 -17.32
CA LEU A 106 -13.33 -1.13 -17.56
C LEU A 106 -14.81 -1.39 -17.27
N PRO B 1 -3.21 -15.94 3.89
CA PRO B 1 -3.01 -14.52 4.26
C PRO B 1 -2.92 -13.64 3.01
N PHE B 2 -3.30 -12.36 3.19
CA PHE B 2 -3.16 -11.41 2.09
C PHE B 2 -2.27 -10.22 2.45
N ARG B 3 -1.50 -9.77 1.45
CA ARG B 3 -0.52 -8.71 1.68
C ARG B 3 -1.16 -7.42 2.18
N THR B 4 -0.49 -6.83 3.16
CA THR B 4 -0.93 -5.59 3.78
C THR B 4 0.29 -4.74 4.08
N ILE B 5 0.18 -3.44 3.88
CA ILE B 5 1.27 -2.51 4.17
C ILE B 5 0.70 -1.31 4.88
N ALA B 6 1.39 -0.87 5.94
CA ALA B 6 0.98 0.30 6.70
C ALA B 6 2.04 1.38 6.53
N ARG B 7 1.60 2.63 6.46
CA ARG B 7 2.53 3.74 6.32
C ARG B 7 2.01 4.93 7.09
N LEU B 8 2.93 5.83 7.43
CA LEU B 8 2.59 7.05 8.17
C LEU B 8 2.94 8.26 7.34
N ASN B 9 2.12 9.29 7.43
CA ASN B 9 2.41 10.55 6.76
C ASN B 9 1.99 11.73 7.64
N PRO B 10 3.00 12.51 8.09
CA PRO B 10 4.40 12.29 7.72
C PRO B 10 4.97 10.99 8.32
N ALA B 11 6.08 10.51 7.70
CA ALA B 11 6.69 9.25 8.14
C ALA B 11 7.27 9.34 9.55
N LYS B 12 7.80 10.51 9.88
CA LYS B 12 8.33 10.78 11.22
C LYS B 12 7.71 12.06 11.75
N PRO B 13 6.52 11.97 12.34
CA PRO B 13 5.81 13.12 12.89
C PRO B 13 6.55 13.74 14.09
N LYS B 14 6.35 15.05 14.27
CA LYS B 14 6.91 15.71 15.44
C LYS B 14 5.93 15.64 16.61
N ALA B 15 6.48 15.70 17.83
CA ALA B 15 5.62 15.59 19.02
C ALA B 15 4.47 16.60 18.98
N GLY B 16 3.26 16.13 19.27
CA GLY B 16 2.09 16.99 19.26
C GLY B 16 1.51 17.26 17.88
N GLU B 17 2.16 16.73 16.85
CA GLU B 17 1.70 16.93 15.48
C GLU B 17 0.76 15.83 15.01
N GLU B 18 -0.23 16.20 14.20
CA GLU B 18 -1.18 15.23 13.69
C GLU B 18 -0.56 14.53 12.49
N PHE B 19 -0.88 13.26 12.33
CA PHE B 19 -0.36 12.48 11.23
C PHE B 19 -1.41 11.47 10.78
N ARG B 20 -1.19 10.88 9.62
CA ARG B 20 -2.11 9.92 9.07
C ARG B 20 -1.50 8.53 8.94
N LEU B 21 -2.26 7.53 9.37
CA LEU B 21 -1.86 6.15 9.23
C LEU B 21 -2.69 5.64 8.06
N GLN B 22 -2.03 5.04 7.08
CA GLN B 22 -2.73 4.48 5.94
C GLN B 22 -2.42 3.00 5.92
N VAL B 23 -3.46 2.22 5.65
CA VAL B 23 -3.33 0.77 5.56
C VAL B 23 -3.86 0.37 4.20
N VAL B 24 -3.03 -0.33 3.42
CA VAL B 24 -3.44 -0.79 2.12
C VAL B 24 -3.35 -2.31 2.09
N ALA B 25 -4.33 -2.94 1.47
CA ALA B 25 -4.33 -4.39 1.38
C ALA B 25 -4.52 -4.84 -0.05
N GLN B 26 -3.92 -5.97 -0.39
CA GLN B 26 -4.11 -6.54 -1.72
C GLN B 26 -5.26 -7.51 -1.47
N HIS B 27 -6.42 -7.19 -2.02
CA HIS B 27 -7.59 -8.03 -1.80
C HIS B 27 -8.64 -7.70 -2.85
N PRO B 28 -9.27 -8.73 -3.43
CA PRO B 28 -10.29 -8.48 -4.46
C PRO B 28 -11.59 -7.83 -3.98
N ASN B 29 -11.91 -8.01 -2.71
CA ASN B 29 -13.15 -7.46 -2.15
C ASN B 29 -14.35 -7.79 -3.05
N GLU B 30 -14.50 -9.07 -3.36
CA GLU B 30 -15.61 -9.52 -4.20
C GLU B 30 -16.92 -9.32 -3.44
N PRO B 31 -17.87 -8.58 -4.02
CA PRO B 31 -19.16 -8.31 -3.39
C PRO B 31 -20.15 -9.47 -3.39
N GLY B 32 -19.97 -10.39 -4.34
CA GLY B 32 -20.86 -11.53 -4.44
C GLY B 32 -21.94 -11.36 -5.49
N THR B 33 -21.87 -10.24 -6.21
CA THR B 33 -22.85 -9.94 -7.26
C THR B 33 -22.23 -9.98 -8.64
N ARG B 34 -20.91 -10.09 -8.71
CA ARG B 34 -20.25 -10.13 -10.00
C ARG B 34 -20.25 -11.52 -10.61
N ARG B 35 -20.35 -11.58 -11.93
CA ARG B 35 -20.33 -12.85 -12.66
C ARG B 35 -19.13 -12.81 -13.58
N ASP B 36 -18.49 -13.96 -13.77
CA ASP B 36 -17.31 -14.03 -14.65
C ASP B 36 -17.76 -14.15 -16.10
N ALA B 37 -16.79 -14.21 -17.00
CA ALA B 37 -17.07 -14.31 -18.43
C ALA B 37 -17.92 -15.54 -18.74
N GLU B 38 -17.88 -16.54 -17.86
CA GLU B 38 -18.66 -17.76 -18.05
C GLU B 38 -20.07 -17.62 -17.50
N GLY B 39 -20.33 -16.51 -16.80
CA GLY B 39 -21.64 -16.28 -16.25
C GLY B 39 -21.77 -16.76 -14.81
N LYS B 40 -20.70 -17.34 -14.28
CA LYS B 40 -20.73 -17.83 -12.92
C LYS B 40 -20.69 -16.68 -11.94
N LEU B 41 -21.70 -16.63 -11.06
CA LEU B 41 -21.56 -15.71 -9.95
C LEU B 41 -20.18 -15.90 -9.34
N ILE B 42 -19.57 -14.78 -8.94
CA ILE B 42 -18.32 -14.90 -8.20
C ILE B 42 -18.56 -14.74 -6.70
N PRO B 43 -18.22 -15.82 -5.95
CA PRO B 43 -18.47 -15.84 -4.51
C PRO B 43 -17.90 -14.61 -3.81
N ALA B 44 -18.68 -14.09 -2.88
CA ALA B 44 -18.28 -12.94 -2.10
C ALA B 44 -17.06 -13.30 -1.27
N LYS B 45 -16.15 -12.36 -1.12
CA LYS B 45 -14.94 -12.55 -0.35
C LYS B 45 -14.39 -11.15 -0.17
N TYR B 46 -14.71 -10.55 0.97
CA TYR B 46 -14.27 -9.19 1.24
C TYR B 46 -13.78 -9.00 2.66
N ILE B 47 -13.00 -7.95 2.85
CA ILE B 47 -12.48 -7.63 4.17
C ILE B 47 -13.63 -7.07 5.00
N ASN B 48 -13.83 -7.63 6.19
CA ASN B 48 -14.93 -7.15 7.04
C ASN B 48 -14.48 -6.74 8.44
N LEU B 49 -13.18 -6.68 8.67
CA LEU B 49 -12.67 -6.26 9.97
C LEU B 49 -11.27 -5.70 9.82
N VAL B 50 -11.10 -4.49 10.35
CA VAL B 50 -9.81 -3.80 10.35
C VAL B 50 -9.61 -3.33 11.78
N GLU B 51 -8.54 -3.78 12.42
CA GLU B 51 -8.25 -3.41 13.80
C GLU B 51 -6.86 -2.81 13.90
N VAL B 52 -6.78 -1.59 14.40
CA VAL B 52 -5.52 -0.88 14.55
C VAL B 52 -5.14 -0.80 16.01
N TYR B 53 -3.93 -1.25 16.33
CA TYR B 53 -3.42 -1.23 17.68
C TYR B 53 -2.20 -0.34 17.78
N PHE B 54 -2.07 0.33 18.92
CA PHE B 54 -0.91 1.17 19.18
C PHE B 54 -0.44 0.74 20.55
N GLU B 55 0.76 0.18 20.62
CA GLU B 55 1.32 -0.29 21.88
C GLU B 55 0.38 -1.24 22.60
N GLY B 56 -0.25 -2.13 21.85
CA GLY B 56 -1.14 -3.11 22.44
C GLY B 56 -2.59 -2.71 22.62
N GLU B 57 -2.88 -1.41 22.57
CA GLU B 57 -4.25 -0.93 22.73
C GLU B 57 -4.92 -0.73 21.38
N LYS B 58 -6.15 -1.22 21.27
CA LYS B 58 -6.90 -1.06 20.03
C LYS B 58 -7.32 0.41 19.98
N VAL B 59 -6.85 1.14 18.96
CA VAL B 59 -7.15 2.56 18.82
C VAL B 59 -7.97 2.94 17.59
N ALA B 60 -8.22 1.98 16.71
CA ALA B 60 -9.05 2.26 15.53
C ALA B 60 -9.65 0.97 15.02
N GLU B 61 -10.83 1.07 14.43
CA GLU B 61 -11.52 -0.10 13.90
C GLU B 61 -12.46 0.26 12.76
N ALA B 62 -12.65 -0.70 11.86
CA ALA B 62 -13.57 -0.57 10.74
C ALA B 62 -14.13 -1.95 10.48
N ARG B 63 -15.40 -2.01 10.06
CA ARG B 63 -16.06 -3.28 9.75
C ARG B 63 -16.73 -3.10 8.39
N PRO B 64 -15.93 -3.05 7.32
CA PRO B 64 -16.52 -2.83 6.00
C PRO B 64 -17.41 -4.00 5.54
N GLY B 65 -18.27 -3.67 4.59
CA GLY B 65 -19.19 -4.65 4.06
C GLY B 65 -18.90 -4.89 2.60
N PRO B 66 -19.85 -5.50 1.88
CA PRO B 66 -19.67 -5.77 0.46
C PRO B 66 -19.84 -4.49 -0.35
N SER B 67 -19.46 -4.55 -1.61
CA SER B 67 -19.56 -3.42 -2.54
C SER B 67 -18.37 -2.49 -2.40
N THR B 68 -17.35 -2.93 -1.67
CA THR B 68 -16.14 -2.15 -1.51
C THR B 68 -15.25 -2.37 -2.73
N SER B 69 -14.19 -1.59 -2.85
CA SER B 69 -13.28 -1.67 -4.00
C SER B 69 -12.06 -2.54 -3.76
N ALA B 70 -11.56 -3.12 -4.86
CA ALA B 70 -10.39 -3.98 -4.80
C ALA B 70 -9.17 -3.21 -4.30
N ASN B 71 -8.34 -3.91 -3.51
CA ASN B 71 -7.10 -3.37 -2.95
C ASN B 71 -7.40 -2.08 -2.23
N PRO B 72 -8.18 -2.17 -1.16
CA PRO B 72 -8.59 -1.01 -0.36
C PRO B 72 -7.54 -0.29 0.44
N LEU B 73 -7.85 0.97 0.71
CA LEU B 73 -7.02 1.86 1.51
C LEU B 73 -7.91 2.36 2.66
N TYR B 74 -7.40 2.23 3.88
CA TYR B 74 -8.11 2.72 5.06
C TYR B 74 -7.15 3.71 5.71
N ALA B 75 -7.65 4.87 6.08
CA ALA B 75 -6.79 5.88 6.69
C ALA B 75 -7.38 6.42 7.99
N PHE B 76 -6.50 6.75 8.92
CA PHE B 76 -6.89 7.24 10.23
C PHE B 76 -5.95 8.34 10.69
N LYS B 77 -6.50 9.42 11.24
CA LYS B 77 -5.69 10.50 11.76
C LYS B 77 -5.46 10.35 13.27
N PHE B 78 -4.19 10.53 13.64
CA PHE B 78 -3.82 10.50 15.05
C PHE B 78 -3.01 11.75 15.41
N LYS B 79 -2.90 11.99 16.72
CA LYS B 79 -1.97 13.02 17.18
C LYS B 79 -0.78 12.38 17.90
N ALA B 80 0.43 12.77 17.46
CA ALA B 80 1.61 12.15 18.04
C ALA B 80 1.85 12.59 19.48
N GLU B 81 1.87 11.60 20.39
CA GLU B 81 2.27 11.87 21.77
C GLU B 81 3.61 11.21 22.09
N LYS B 82 3.55 9.89 22.33
CA LYS B 82 4.77 9.13 22.57
C LYS B 82 5.09 8.23 21.38
N ALA B 83 6.38 7.91 21.23
CA ALA B 83 6.73 6.94 20.21
C ALA B 83 6.14 5.57 20.55
N GLY B 84 5.96 4.76 19.50
CA GLY B 84 5.38 3.44 19.71
C GLY B 84 5.21 2.69 18.39
N THR B 85 4.62 1.48 18.48
CA THR B 85 4.41 0.72 17.27
C THR B 85 2.93 0.50 16.96
N PHE B 86 2.56 0.79 15.69
CA PHE B 86 1.25 0.44 15.17
C PHE B 86 1.25 -1.01 14.65
N THR B 87 0.28 -1.80 15.11
CA THR B 87 0.05 -3.08 14.47
C THR B 87 -1.38 -3.13 13.96
N ILE B 88 -1.54 -3.55 12.70
CA ILE B 88 -2.87 -3.65 12.16
C ILE B 88 -3.21 -5.09 11.76
N LYS B 89 -4.42 -5.51 12.18
CA LYS B 89 -4.90 -6.83 11.80
C LYS B 89 -6.18 -6.73 10.96
N LEU B 90 -6.14 -7.39 9.80
CA LEU B 90 -7.31 -7.45 8.94
C LEU B 90 -7.84 -8.88 8.83
N LYS B 91 -9.15 -8.98 8.63
CA LYS B 91 -9.74 -10.29 8.40
C LYS B 91 -10.80 -10.19 7.30
N ASP B 92 -10.96 -11.28 6.53
CA ASP B 92 -12.03 -11.27 5.53
C ASP B 92 -13.08 -12.33 5.82
N THR B 93 -14.12 -12.37 4.95
CA THR B 93 -15.27 -13.21 5.24
C THR B 93 -14.97 -14.71 5.18
N ASP B 94 -13.78 -15.06 4.67
CA ASP B 94 -13.40 -16.49 4.66
C ASP B 94 -12.47 -16.82 5.84
N GLY B 95 -12.24 -15.80 6.68
CA GLY B 95 -11.39 -16.01 7.84
C GLY B 95 -9.90 -15.82 7.53
N ASP B 96 -9.60 -15.49 6.26
CA ASP B 96 -8.22 -15.16 5.92
C ASP B 96 -7.81 -13.85 6.60
N THR B 97 -6.49 -13.70 6.82
CA THR B 97 -6.05 -12.54 7.58
C THR B 97 -4.97 -11.74 6.87
N GLY B 98 -4.86 -10.48 7.31
CA GLY B 98 -3.72 -9.67 6.92
C GLY B 98 -3.17 -8.94 8.14
N GLU B 99 -1.84 -8.78 8.17
CA GLU B 99 -1.25 -8.04 9.28
C GLU B 99 -0.08 -7.19 8.82
N ALA B 100 0.03 -6.00 9.45
CA ALA B 100 1.16 -5.14 9.15
C ALA B 100 1.51 -4.30 10.38
N SER B 101 2.76 -3.81 10.39
CA SER B 101 3.16 -2.93 11.46
C SER B 101 3.98 -1.76 10.91
N VAL B 102 3.90 -0.65 11.63
CA VAL B 102 4.78 0.47 11.34
C VAL B 102 5.12 1.23 12.62
N LYS B 103 6.43 1.54 12.76
CA LYS B 103 6.88 2.22 13.96
C LYS B 103 6.68 3.72 13.87
N LEU B 104 6.14 4.26 14.96
CA LEU B 104 6.05 5.71 15.08
C LEU B 104 7.26 6.24 15.87
N GLU B 105 8.15 6.93 15.13
CA GLU B 105 9.29 7.58 15.77
C GLU B 105 9.15 9.10 15.62
N LEU B 106 9.44 9.82 16.72
CA LEU B 106 9.19 11.26 16.67
C LEU B 106 10.46 12.06 16.39
#